data_6G09
#
_entry.id   6G09
#
_cell.length_a   61.702
_cell.length_b   79.035
_cell.length_c   87.588
_cell.angle_alpha   90.00
_cell.angle_beta   90.00
_cell.angle_gamma   90.00
#
_symmetry.space_group_name_H-M   'P 21 21 21'
#
loop_
_entity.id
_entity.type
_entity.pdbx_description
1 polymer 'Glycoside hydrolase family 8 domain protein'
2 branched beta-D-xylopyranose-(1-4)-beta-D-xylopyranose
3 non-polymer 1,2-ETHANEDIOL
4 water water
#
_entity_poly.entity_id   1
_entity_poly.type   'polypeptide(L)'
_entity_poly.pdbx_seq_one_letter_code
;GPAAGAVATGEYRNLFAEIGKSEIDIQRKIDEAFQHLFYGDAKDAAVYYQAGGNENGPLAYVYDVNSNDVRSEGMSYGMM
ITVQMDKKAEFDAIWNWAKTYMYQDSPTHPAFGYFAWSMRRDGVANDDMPAPDGEEYFVTALYFAAARWGNGEGIFNYQQ
EADTILSRMRHRQVITGPTNRGVMTATNLFHPEEAQVRFTPDINNADHTDASYHLPSFYEIWARVAPQEDRAFWAKAADV
SRDYFAKAAHPVTALTPDYGNFDGTPWAASWRPESVDFRYDAWRSVMNWSMDYAWWGKDSGAPARSDKLLAFFETQEGKM
NHLYSLDGKPLGGGPTLGLISMNATAAMAATDPRWHNFVEKLWQQQPPTGQYRYYDGVLYLMALLHCAGEYKAWIPDGE
;
_entity_poly.pdbx_strand_id   A
#
# COMPACT_ATOMS: atom_id res chain seq x y z
N GLY A 5 7.93 3.99 20.37
CA GLY A 5 7.19 3.42 19.18
C GLY A 5 6.63 2.05 19.48
N ALA A 6 5.61 1.60 18.76
CA ALA A 6 4.92 0.32 19.04
C ALA A 6 5.86 -0.86 18.85
N VAL A 7 6.80 -0.78 17.94
CA VAL A 7 7.66 -1.95 17.68
C VAL A 7 8.52 -2.18 18.94
N ALA A 8 9.10 -1.14 19.48
CA ALA A 8 9.95 -1.24 20.68
C ALA A 8 9.14 -1.79 21.84
N THR A 9 7.91 -1.33 22.02
CA THR A 9 7.12 -1.62 23.24
C THR A 9 6.34 -2.91 23.06
N GLY A 10 6.01 -3.28 21.82
CA GLY A 10 5.01 -4.32 21.47
C GLY A 10 3.59 -3.85 21.69
N GLU A 11 3.36 -2.59 22.03
CA GLU A 11 2.02 -2.09 22.39
C GLU A 11 1.54 -1.21 21.23
N TYR A 12 0.56 -1.72 20.49
CA TYR A 12 -0.01 -0.99 19.36
C TYR A 12 -1.28 -0.31 19.86
N ARG A 13 -1.45 0.94 19.51
CA ARG A 13 -2.64 1.65 19.98
C ARG A 13 -3.90 1.07 19.34
N ASN A 14 -4.89 0.84 20.16
CA ASN A 14 -6.24 0.49 19.71
C ASN A 14 -7.05 1.77 19.77
N LEU A 15 -7.06 2.50 18.66
CA LEU A 15 -7.68 3.83 18.57
C LEU A 15 -9.18 3.66 18.75
N PHE A 16 -9.77 2.55 18.31
CA PHE A 16 -11.23 2.35 18.54
C PHE A 16 -11.51 2.21 20.03
N ALA A 17 -10.68 1.48 20.75
CA ALA A 17 -10.82 1.34 22.21
C ALA A 17 -10.65 2.73 22.82
N GLU A 18 -9.71 3.53 22.28
CA GLU A 18 -9.47 4.87 22.88
C GLU A 18 -10.70 5.75 22.74
N ILE A 19 -11.56 5.55 21.75
CA ILE A 19 -12.78 6.37 21.58
C ILE A 19 -13.99 5.57 22.10
N GLY A 20 -13.77 4.55 22.91
CA GLY A 20 -14.83 3.94 23.74
C GLY A 20 -15.42 2.65 23.20
N LYS A 21 -14.91 2.05 22.13
CA LYS A 21 -15.54 0.82 21.61
C LYS A 21 -15.02 -0.40 22.37
N SER A 22 -15.88 -1.37 22.56
CA SER A 22 -15.52 -2.62 23.23
C SER A 22 -14.71 -3.54 22.32
N GLU A 23 -13.90 -4.42 22.91
CA GLU A 23 -13.08 -5.34 22.09
C GLU A 23 -13.97 -6.32 21.33
N ILE A 24 -15.08 -6.78 21.93
CA ILE A 24 -16.00 -7.69 21.19
C ILE A 24 -16.52 -6.95 19.95
N ASP A 25 -16.91 -5.67 20.05
CA ASP A 25 -17.50 -4.95 18.91
C ASP A 25 -16.40 -4.67 17.88
N ILE A 26 -15.18 -4.39 18.32
CA ILE A 26 -14.06 -4.15 17.35
C ILE A 26 -13.81 -5.44 16.57
N GLN A 27 -13.76 -6.58 17.24
CA GLN A 27 -13.57 -7.88 16.58
C GLN A 27 -14.71 -8.11 15.61
N ARG A 28 -15.94 -7.82 16.00
CA ARG A 28 -17.08 -8.03 15.08
C ARG A 28 -16.91 -7.16 13.84
N LYS A 29 -16.48 -5.90 14.01
CA LYS A 29 -16.36 -4.93 12.91
C LYS A 29 -15.29 -5.44 11.93
N ILE A 30 -14.14 -5.89 12.41
CA ILE A 30 -13.09 -6.41 11.50
C ILE A 30 -13.55 -7.71 10.83
N ASP A 31 -14.15 -8.60 11.60
CA ASP A 31 -14.58 -9.87 10.99
C ASP A 31 -15.67 -9.61 9.94
N GLU A 32 -16.61 -8.69 10.17
CA GLU A 32 -17.67 -8.36 9.18
C GLU A 32 -16.97 -7.85 7.92
N ALA A 33 -15.94 -7.00 8.06
CA ALA A 33 -15.32 -6.43 6.85
C ALA A 33 -14.61 -7.53 6.05
N PHE A 34 -13.89 -8.40 6.74
CA PHE A 34 -13.20 -9.53 6.10
C PHE A 34 -14.21 -10.47 5.43
N GLN A 35 -15.27 -10.84 6.10
CA GLN A 35 -16.23 -11.82 5.56
C GLN A 35 -16.89 -11.21 4.34
N HIS A 36 -17.22 -9.93 4.35
CA HIS A 36 -17.86 -9.30 3.20
C HIS A 36 -16.92 -9.26 2.02
N LEU A 37 -15.72 -8.76 2.23
CA LEU A 37 -14.80 -8.52 1.10
C LEU A 37 -14.23 -9.82 0.57
N PHE A 38 -14.02 -10.81 1.41
CA PHE A 38 -13.39 -12.06 1.01
C PHE A 38 -14.45 -13.10 0.66
N TYR A 39 -15.61 -13.09 1.30
CA TYR A 39 -16.56 -14.23 1.16
C TYR A 39 -18.01 -13.74 0.95
N GLY A 40 -18.18 -12.49 0.62
CA GLY A 40 -19.53 -11.97 0.38
C GLY A 40 -20.05 -12.31 -1.00
N ASP A 41 -21.20 -11.76 -1.32
CA ASP A 41 -21.80 -11.95 -2.66
C ASP A 41 -20.78 -11.61 -3.72
N ALA A 42 -20.65 -12.48 -4.70
CA ALA A 42 -19.62 -12.31 -5.71
C ALA A 42 -19.83 -11.05 -6.55
N LYS A 43 -21.07 -10.68 -6.86
CA LYS A 43 -21.33 -9.56 -7.80
C LYS A 43 -21.38 -8.24 -7.04
N ASP A 44 -21.70 -8.24 -5.76
CA ASP A 44 -22.00 -6.98 -5.06
C ASP A 44 -21.02 -6.64 -3.91
N ALA A 45 -20.38 -7.63 -3.29
CA ALA A 45 -19.66 -7.41 -2.02
C ALA A 45 -18.21 -7.88 -2.08
N ALA A 46 -17.96 -9.05 -2.63
CA ALA A 46 -16.62 -9.65 -2.56
C ALA A 46 -15.69 -9.01 -3.58
N VAL A 47 -14.41 -9.00 -3.23
CA VAL A 47 -13.31 -8.62 -4.16
C VAL A 47 -12.30 -9.74 -4.26
N TYR A 48 -12.60 -10.88 -3.68
CA TYR A 48 -11.70 -12.06 -3.65
C TYR A 48 -12.41 -13.16 -4.40
N TYR A 49 -11.63 -13.91 -5.19
CA TYR A 49 -12.16 -14.99 -6.03
C TYR A 49 -11.24 -16.21 -5.88
N GLN A 50 -11.86 -17.37 -5.60
CA GLN A 50 -11.12 -18.66 -5.54
C GLN A 50 -11.02 -19.17 -6.96
N ALA A 51 -9.81 -19.40 -7.42
CA ALA A 51 -9.48 -19.62 -8.83
C ALA A 51 -8.80 -20.98 -9.01
N GLY A 52 -9.40 -22.03 -8.48
CA GLY A 52 -8.85 -23.38 -8.64
C GLY A 52 -7.54 -23.49 -7.89
N GLY A 53 -6.63 -24.31 -8.44
CA GLY A 53 -5.35 -24.56 -7.77
C GLY A 53 -4.35 -25.13 -8.73
N ASN A 54 -3.15 -25.33 -8.24
CA ASN A 54 -2.07 -25.91 -9.03
C ASN A 54 -1.23 -26.81 -8.11
N GLU A 55 0.02 -27.06 -8.52
CA GLU A 55 0.94 -27.96 -7.74
C GLU A 55 1.17 -27.40 -6.35
N ASN A 56 1.02 -26.08 -6.18
CA ASN A 56 1.24 -25.41 -4.86
C ASN A 56 -0.01 -25.36 -4.03
N GLY A 57 -1.15 -25.86 -4.52
CA GLY A 57 -2.39 -25.79 -3.80
C GLY A 57 -3.26 -24.68 -4.38
N PRO A 58 -4.23 -24.26 -3.59
CA PRO A 58 -5.19 -23.27 -4.05
C PRO A 58 -4.59 -21.97 -4.60
N LEU A 59 -5.32 -21.43 -5.59
CA LEU A 59 -5.09 -20.12 -6.23
C LEU A 59 -6.26 -19.22 -5.88
N ALA A 60 -5.99 -17.95 -5.68
CA ALA A 60 -7.06 -16.94 -5.51
C ALA A 60 -6.49 -15.59 -5.83
N TYR A 61 -7.41 -14.67 -6.02
CA TYR A 61 -6.99 -13.27 -6.25
C TYR A 61 -8.00 -12.30 -5.67
N VAL A 62 -7.41 -11.16 -5.31
CA VAL A 62 -8.16 -9.92 -5.06
C VAL A 62 -8.17 -9.17 -6.37
N TYR A 63 -9.28 -8.57 -6.77
CA TYR A 63 -9.35 -7.92 -8.10
C TYR A 63 -10.23 -6.68 -8.05
N ASP A 64 -9.99 -5.83 -9.02
CA ASP A 64 -10.79 -4.62 -9.24
C ASP A 64 -12.05 -5.02 -9.97
N VAL A 65 -13.16 -5.08 -9.27
CA VAL A 65 -14.44 -5.54 -9.85
C VAL A 65 -14.93 -4.55 -10.92
N ASN A 66 -14.49 -3.29 -10.92
CA ASN A 66 -14.98 -2.30 -11.90
C ASN A 66 -14.48 -2.68 -13.29
N SER A 67 -13.17 -2.58 -13.50
CA SER A 67 -12.49 -2.94 -14.77
C SER A 67 -12.47 -4.45 -14.94
N ASN A 68 -12.64 -5.24 -13.87
CA ASN A 68 -12.59 -6.70 -13.91
C ASN A 68 -11.15 -7.18 -14.17
N ASP A 69 -10.18 -6.45 -13.64
CA ASP A 69 -8.76 -6.79 -13.76
C ASP A 69 -8.15 -7.05 -12.40
N VAL A 70 -7.20 -7.98 -12.36
CA VAL A 70 -6.38 -8.17 -11.15
C VAL A 70 -5.30 -7.10 -11.11
N ARG A 71 -5.11 -6.47 -9.98
CA ARG A 71 -4.10 -5.42 -9.80
C ARG A 71 -3.02 -5.92 -8.86
N SER A 72 -1.76 -5.71 -9.20
CA SER A 72 -0.70 -6.11 -8.26
C SER A 72 -0.86 -5.47 -6.92
N GLU A 73 -1.29 -4.23 -6.85
CA GLU A 73 -1.47 -3.53 -5.57
C GLU A 73 -2.48 -4.30 -4.75
N GLY A 74 -3.65 -4.61 -5.31
CA GLY A 74 -4.71 -5.29 -4.54
C GLY A 74 -4.29 -6.67 -4.08
N MET A 75 -3.47 -7.36 -4.86
CA MET A 75 -2.93 -8.67 -4.45
C MET A 75 -2.04 -8.47 -3.21
N SER A 76 -1.18 -7.47 -3.29
CA SER A 76 -0.23 -7.21 -2.19
C SER A 76 -0.98 -6.75 -0.95
N TYR A 77 -2.02 -5.97 -1.12
CA TYR A 77 -2.83 -5.56 0.04
C TYR A 77 -3.57 -6.77 0.59
N GLY A 78 -4.06 -7.66 -0.25
CA GLY A 78 -4.69 -8.88 0.23
C GLY A 78 -3.76 -9.73 1.04
N MET A 79 -2.52 -9.83 0.62
CA MET A 79 -1.51 -10.55 1.39
C MET A 79 -1.27 -9.82 2.71
N MET A 80 -1.16 -8.49 2.73
CA MET A 80 -0.91 -7.79 4.00
C MET A 80 -2.10 -8.00 4.94
N ILE A 81 -3.34 -7.83 4.43
CA ILE A 81 -4.53 -8.00 5.28
C ILE A 81 -4.52 -9.42 5.85
N THR A 82 -4.31 -10.43 5.00
CA THR A 82 -4.41 -11.82 5.45
C THR A 82 -3.31 -12.16 6.45
N VAL A 83 -2.09 -11.68 6.29
CA VAL A 83 -1.09 -12.00 7.33
C VAL A 83 -1.44 -11.25 8.62
N GLN A 84 -1.91 -10.01 8.55
CA GLN A 84 -2.27 -9.31 9.79
C GLN A 84 -3.43 -10.03 10.48
N MET A 85 -4.35 -10.62 9.72
CA MET A 85 -5.53 -11.31 10.30
C MET A 85 -5.27 -12.80 10.56
N ASP A 86 -4.03 -13.29 10.38
CA ASP A 86 -3.69 -14.71 10.64
C ASP A 86 -4.49 -15.63 9.73
N LYS A 87 -4.64 -15.25 8.46
CA LYS A 87 -5.39 -16.02 7.46
C LYS A 87 -4.41 -16.63 6.49
N LYS A 88 -3.71 -17.68 6.89
CA LYS A 88 -2.64 -18.32 6.12
C LYS A 88 -3.16 -18.90 4.82
N ALA A 89 -4.30 -19.59 4.85
CA ALA A 89 -4.80 -20.24 3.63
C ALA A 89 -5.04 -19.22 2.53
N GLU A 90 -5.67 -18.12 2.88
CA GLU A 90 -6.00 -17.06 1.92
C GLU A 90 -4.69 -16.40 1.46
N PHE A 91 -3.80 -16.10 2.37
CA PHE A 91 -2.49 -15.53 2.02
C PHE A 91 -1.82 -16.38 0.94
N ASP A 92 -1.73 -17.71 1.22
CA ASP A 92 -0.98 -18.61 0.35
C ASP A 92 -1.63 -18.67 -1.03
N ALA A 93 -2.95 -18.66 -1.09
CA ALA A 93 -3.66 -18.75 -2.38
C ALA A 93 -3.44 -17.49 -3.19
N ILE A 94 -3.45 -16.31 -2.57
CA ILE A 94 -3.18 -15.04 -3.28
C ILE A 94 -1.75 -15.07 -3.77
N TRP A 95 -0.81 -15.38 -2.90
CA TRP A 95 0.61 -15.39 -3.30
C TRP A 95 0.80 -16.39 -4.44
N ASN A 96 0.20 -17.57 -4.36
CA ASN A 96 0.33 -18.54 -5.46
C ASN A 96 -0.10 -17.92 -6.79
N TRP A 97 -1.22 -17.19 -6.81
CA TRP A 97 -1.67 -16.60 -8.10
C TRP A 97 -0.70 -15.49 -8.51
N ALA A 98 -0.28 -14.64 -7.60
CA ALA A 98 0.64 -13.53 -7.96
C ALA A 98 1.93 -14.13 -8.50
N LYS A 99 2.51 -15.11 -7.83
CA LYS A 99 3.83 -15.64 -8.26
C LYS A 99 3.64 -16.47 -9.51
N THR A 100 2.54 -17.19 -9.67
CA THR A 100 2.31 -18.06 -10.84
C THR A 100 2.05 -17.21 -12.09
N TYR A 101 1.21 -16.19 -11.97
CA TYR A 101 0.68 -15.50 -13.17
C TYR A 101 1.29 -14.12 -13.34
N MET A 102 1.58 -13.38 -12.29
CA MET A 102 1.93 -11.94 -12.43
C MET A 102 3.44 -11.71 -12.45
N TYR A 103 4.20 -12.60 -11.83
CA TYR A 103 5.66 -12.39 -11.66
C TYR A 103 6.37 -12.71 -12.97
N GLN A 104 7.19 -11.79 -13.44
CA GLN A 104 8.01 -11.95 -14.67
C GLN A 104 9.35 -12.64 -14.37
N ASP A 105 9.50 -13.90 -14.77
CA ASP A 105 10.70 -14.70 -14.45
C ASP A 105 11.69 -14.74 -15.61
N SER A 106 11.42 -14.14 -16.76
CA SER A 106 12.37 -14.23 -17.90
C SER A 106 13.45 -13.17 -17.75
N PRO A 107 14.74 -13.53 -17.70
CA PRO A 107 15.79 -12.52 -17.53
C PRO A 107 16.04 -11.62 -18.73
N THR A 108 15.42 -11.90 -19.87
CA THR A 108 15.53 -11.05 -21.07
C THR A 108 14.31 -10.14 -21.23
N HIS A 109 13.30 -10.28 -20.36
CA HIS A 109 12.10 -9.41 -20.36
C HIS A 109 12.40 -8.17 -19.53
N PRO A 110 12.06 -6.96 -20.03
CA PRO A 110 12.34 -5.74 -19.28
C PRO A 110 11.67 -5.65 -17.91
N ALA A 111 10.61 -6.44 -17.68
CA ALA A 111 9.96 -6.51 -16.36
C ALA A 111 10.51 -7.65 -15.50
N PHE A 112 11.63 -8.26 -15.84
CA PHE A 112 12.23 -9.31 -14.98
C PHE A 112 12.29 -8.90 -13.52
N GLY A 113 11.66 -9.75 -12.67
CA GLY A 113 11.68 -9.60 -11.21
C GLY A 113 10.47 -8.85 -10.73
N TYR A 114 9.60 -8.40 -11.60
CA TYR A 114 8.48 -7.53 -11.22
C TYR A 114 7.15 -8.20 -11.53
N PHE A 115 6.10 -7.67 -10.93
CA PHE A 115 4.74 -8.20 -11.05
C PHE A 115 3.93 -7.26 -11.94
N ALA A 116 3.29 -7.80 -12.97
CA ALA A 116 2.42 -7.05 -13.88
C ALA A 116 1.42 -6.25 -13.08
N TRP A 117 1.28 -4.94 -13.30
CA TRP A 117 0.41 -4.19 -12.39
C TRP A 117 -1.07 -4.47 -12.66
N SER A 118 -1.40 -4.79 -13.89
CA SER A 118 -2.79 -4.95 -14.38
C SER A 118 -2.86 -6.21 -15.23
N MET A 119 -3.63 -7.18 -14.79
CA MET A 119 -3.68 -8.49 -15.47
C MET A 119 -5.12 -8.96 -15.50
N ARG A 120 -5.54 -9.50 -16.63
CA ARG A 120 -6.91 -10.03 -16.73
C ARG A 120 -7.02 -11.27 -15.85
N ARG A 121 -8.25 -11.67 -15.58
CA ARG A 121 -8.53 -12.82 -14.66
C ARG A 121 -8.08 -14.14 -15.27
N ASP A 122 -7.81 -14.19 -16.57
CA ASP A 122 -7.31 -15.41 -17.26
C ASP A 122 -5.78 -15.44 -17.26
N GLY A 123 -5.12 -14.48 -16.64
CA GLY A 123 -3.64 -14.41 -16.63
C GLY A 123 -3.03 -13.63 -17.79
N VAL A 124 -3.84 -13.01 -18.64
CA VAL A 124 -3.28 -12.20 -19.77
C VAL A 124 -2.95 -10.81 -19.24
N ALA A 125 -1.68 -10.39 -19.29
CA ALA A 125 -1.30 -9.06 -18.82
C ALA A 125 -1.93 -7.98 -19.69
N ASN A 126 -2.40 -6.94 -19.05
CA ASN A 126 -2.67 -5.68 -19.76
C ASN A 126 -1.36 -4.90 -19.89
N ASP A 127 -0.52 -4.94 -18.88
CA ASP A 127 0.76 -4.20 -18.86
C ASP A 127 1.71 -5.07 -18.04
N ASP A 128 2.85 -5.45 -18.59
CA ASP A 128 3.89 -6.25 -17.89
C ASP A 128 4.61 -5.40 -16.85
N MET A 129 4.62 -4.09 -16.99
CA MET A 129 5.35 -3.22 -16.07
C MET A 129 4.66 -3.22 -14.71
N PRO A 130 5.42 -2.98 -13.62
CA PRO A 130 4.83 -3.00 -12.30
C PRO A 130 4.31 -1.66 -11.80
N ALA A 131 3.52 -1.72 -10.75
CA ALA A 131 3.19 -0.57 -9.88
C ALA A 131 4.00 -0.77 -8.62
N PRO A 132 5.14 -0.07 -8.44
CA PRO A 132 6.10 -0.49 -7.42
C PRO A 132 5.64 -0.58 -5.96
N ASP A 133 4.60 0.09 -5.56
CA ASP A 133 4.10 -0.14 -4.20
C ASP A 133 3.52 -1.54 -4.03
N GLY A 134 3.13 -2.21 -5.11
CA GLY A 134 2.78 -3.63 -5.03
C GLY A 134 3.96 -4.47 -4.56
N GLU A 135 5.08 -4.38 -5.25
CA GLU A 135 6.32 -5.03 -4.79
C GLU A 135 6.64 -4.68 -3.35
N GLU A 136 6.52 -3.43 -2.95
CA GLU A 136 6.90 -3.03 -1.58
C GLU A 136 6.02 -3.79 -0.58
N TYR A 137 4.72 -3.84 -0.81
CA TYR A 137 3.80 -4.58 0.08
C TYR A 137 4.04 -6.07 -0.04
N PHE A 138 4.30 -6.63 -1.23
CA PHE A 138 4.54 -8.09 -1.36
C PHE A 138 5.71 -8.51 -0.48
N VAL A 139 6.83 -7.81 -0.59
CA VAL A 139 8.06 -8.17 0.14
C VAL A 139 7.76 -8.09 1.62
N THR A 140 7.12 -7.03 2.08
CA THR A 140 6.89 -6.84 3.52
C THR A 140 5.95 -7.94 4.03
N ALA A 141 4.86 -8.18 3.32
CA ALA A 141 3.86 -9.20 3.71
C ALA A 141 4.53 -10.56 3.79
N LEU A 142 5.43 -10.86 2.87
CA LEU A 142 6.19 -12.12 2.89
C LEU A 142 7.07 -12.20 4.14
N TYR A 143 7.80 -11.14 4.47
CA TYR A 143 8.58 -11.15 5.73
C TYR A 143 7.65 -11.41 6.91
N PHE A 144 6.50 -10.74 6.94
CA PHE A 144 5.53 -10.91 8.05
C PHE A 144 5.02 -12.35 8.12
N ALA A 145 4.78 -12.96 6.98
CA ALA A 145 4.34 -14.37 6.90
C ALA A 145 5.40 -15.29 7.51
N ALA A 146 6.65 -15.10 7.17
CA ALA A 146 7.76 -15.86 7.74
C ALA A 146 7.69 -15.77 9.25
N ALA A 147 7.50 -14.57 9.77
CA ALA A 147 7.49 -14.32 11.23
C ALA A 147 6.30 -15.02 11.85
N ARG A 148 5.12 -14.91 11.26
CA ARG A 148 3.90 -15.42 11.94
C ARG A 148 3.79 -16.92 11.78
N TRP A 149 4.11 -17.48 10.63
CA TRP A 149 3.79 -18.87 10.29
C TRP A 149 5.03 -19.75 10.16
N GLY A 150 6.23 -19.18 10.17
CA GLY A 150 7.45 -19.91 9.78
C GLY A 150 7.49 -20.07 8.26
N ASN A 151 8.66 -20.38 7.74
CA ASN A 151 8.87 -20.60 6.32
C ASN A 151 8.44 -22.00 5.93
N GLY A 152 7.71 -22.09 4.84
CA GLY A 152 7.55 -23.36 4.12
C GLY A 152 8.66 -23.54 3.12
N GLU A 153 8.38 -24.31 2.08
CA GLU A 153 9.37 -24.59 1.03
C GLU A 153 8.83 -24.07 -0.32
N GLY A 154 9.69 -24.00 -1.29
CA GLY A 154 9.27 -23.53 -2.62
C GLY A 154 8.78 -22.09 -2.55
N ILE A 155 7.63 -21.82 -3.13
CA ILE A 155 7.14 -20.42 -3.13
C ILE A 155 6.70 -20.03 -1.72
N PHE A 156 6.53 -20.98 -0.83
CA PHE A 156 6.09 -20.70 0.55
C PHE A 156 7.28 -20.55 1.50
N ASN A 157 8.49 -20.57 0.98
CA ASN A 157 9.66 -20.11 1.74
C ASN A 157 9.60 -18.57 1.68
N TYR A 158 8.71 -18.02 2.47
CA TYR A 158 8.34 -16.60 2.35
C TYR A 158 9.58 -15.71 2.46
N GLN A 159 10.45 -16.03 3.42
CA GLN A 159 11.62 -15.17 3.68
C GLN A 159 12.57 -15.22 2.48
N GLN A 160 12.77 -16.38 1.88
CA GLN A 160 13.68 -16.50 0.73
C GLN A 160 13.09 -15.73 -0.45
N GLU A 161 11.78 -15.88 -0.66
CA GLU A 161 11.11 -15.16 -1.76
C GLU A 161 11.31 -13.67 -1.53
N ALA A 162 11.06 -13.18 -0.33
CA ALA A 162 11.17 -11.75 -0.04
C ALA A 162 12.61 -11.27 -0.26
N ASP A 163 13.57 -12.00 0.22
CA ASP A 163 15.01 -11.62 0.07
C ASP A 163 15.35 -11.49 -1.41
N THR A 164 14.98 -12.48 -2.21
CA THR A 164 15.35 -12.51 -3.65
C THR A 164 14.66 -11.37 -4.36
N ILE A 165 13.36 -11.19 -4.13
CA ILE A 165 12.58 -10.14 -4.82
C ILE A 165 13.15 -8.77 -4.43
N LEU A 166 13.36 -8.52 -3.15
CA LEU A 166 13.81 -7.23 -2.65
C LEU A 166 15.23 -6.94 -3.17
N SER A 167 16.12 -7.91 -3.17
CA SER A 167 17.48 -7.70 -3.71
C SER A 167 17.38 -7.26 -5.18
N ARG A 168 16.54 -7.93 -5.95
CA ARG A 168 16.45 -7.64 -7.40
C ARG A 168 15.80 -6.26 -7.58
N MET A 169 14.83 -5.86 -6.75
CA MET A 169 14.23 -4.51 -6.83
C MET A 169 15.33 -3.44 -6.76
N ARG A 170 16.33 -3.65 -5.92
CA ARG A 170 17.46 -2.69 -5.81
C ARG A 170 18.44 -2.88 -6.99
N HIS A 171 18.84 -4.12 -7.28
CA HIS A 171 20.04 -4.42 -8.10
C HIS A 171 19.71 -4.69 -9.55
N ARG A 172 18.43 -4.64 -9.95
CA ARG A 172 18.04 -4.89 -11.35
C ARG A 172 18.90 -4.01 -12.26
N GLN A 173 19.33 -4.61 -13.35
CA GLN A 173 19.99 -3.88 -14.45
C GLN A 173 18.99 -3.40 -15.48
N VAL A 174 19.43 -2.50 -16.33
CA VAL A 174 18.61 -2.03 -17.45
C VAL A 174 18.48 -3.17 -18.45
N ILE A 175 17.23 -3.45 -18.85
CA ILE A 175 16.91 -4.51 -19.82
C ILE A 175 16.01 -3.89 -20.89
N THR A 176 16.38 -4.05 -22.15
CA THR A 176 15.52 -3.72 -23.28
C THR A 176 15.08 -5.05 -23.88
N GLY A 177 13.80 -5.27 -24.09
CA GLY A 177 13.32 -6.49 -24.76
C GLY A 177 11.84 -6.44 -25.06
N PRO A 178 11.34 -7.48 -25.73
CA PRO A 178 9.94 -7.58 -26.14
C PRO A 178 8.97 -7.68 -24.96
N THR A 179 7.80 -7.04 -25.08
CA THR A 179 6.71 -7.11 -24.08
C THR A 179 5.38 -7.18 -24.83
N ASN A 180 4.30 -7.33 -24.07
CA ASN A 180 2.91 -7.31 -24.63
C ASN A 180 2.67 -5.97 -25.35
N ARG A 181 3.34 -4.88 -24.93
CA ARG A 181 3.08 -3.53 -25.49
C ARG A 181 4.11 -3.21 -26.59
N GLY A 182 4.99 -4.14 -27.01
CA GLY A 182 6.14 -3.85 -27.89
C GLY A 182 7.45 -3.75 -27.11
N VAL A 183 8.51 -3.38 -27.79
CA VAL A 183 9.82 -3.35 -27.12
C VAL A 183 9.79 -2.23 -26.10
N MET A 184 10.26 -2.57 -24.88
CA MET A 184 10.37 -1.60 -23.78
CA MET A 184 10.37 -1.61 -23.77
C MET A 184 11.72 -1.76 -23.07
N THR A 185 12.08 -0.74 -22.33
CA THR A 185 13.32 -0.66 -21.55
C THR A 185 12.93 -0.35 -20.11
N ALA A 186 13.43 -1.12 -19.16
CA ALA A 186 13.13 -0.81 -17.75
C ALA A 186 14.40 -0.99 -16.93
N THR A 187 14.40 -0.35 -15.80
CA THR A 187 15.52 -0.34 -14.84
C THR A 187 15.07 -0.92 -13.50
N ASN A 188 15.81 -0.57 -12.47
CA ASN A 188 15.56 -0.94 -11.07
C ASN A 188 14.30 -0.24 -10.55
N LEU A 189 13.86 -0.60 -9.36
CA LEU A 189 12.61 -0.02 -8.79
CA LEU A 189 12.61 -0.03 -8.77
C LEU A 189 12.90 1.11 -7.82
N PHE A 190 14.14 1.20 -7.35
CA PHE A 190 14.57 2.30 -6.45
C PHE A 190 15.74 2.99 -7.14
N HIS A 191 15.67 4.31 -7.17
CA HIS A 191 16.80 5.11 -7.70
C HIS A 191 18.01 4.89 -6.79
N PRO A 192 19.17 4.48 -7.31
CA PRO A 192 20.30 4.13 -6.45
C PRO A 192 20.92 5.30 -5.68
N GLU A 193 20.84 6.50 -6.20
CA GLU A 193 21.41 7.70 -5.54
C GLU A 193 20.39 8.44 -4.67
N GLU A 194 19.14 8.52 -5.14
CA GLU A 194 18.08 9.18 -4.35
C GLU A 194 17.61 8.25 -3.24
N ALA A 195 17.77 6.93 -3.39
CA ALA A 195 17.25 5.94 -2.41
C ALA A 195 15.74 6.18 -2.22
N GLN A 196 15.06 6.33 -3.36
CA GLN A 196 13.59 6.51 -3.45
C GLN A 196 12.98 5.53 -4.44
N VAL A 197 11.81 5.03 -4.09
CA VAL A 197 10.99 4.20 -4.99
C VAL A 197 10.62 5.02 -6.21
N ARG A 198 10.59 4.37 -7.34
CA ARG A 198 10.18 4.98 -8.60
C ARG A 198 8.66 4.85 -8.77
N PHE A 199 8.06 5.75 -9.50
CA PHE A 199 6.70 5.57 -10.02
C PHE A 199 6.68 4.38 -11.00
N THR A 200 7.69 4.29 -11.86
CA THR A 200 7.78 3.19 -12.85
C THR A 200 9.24 2.89 -13.13
N PRO A 201 9.59 1.63 -13.41
CA PRO A 201 10.94 1.35 -13.91
C PRO A 201 11.06 1.58 -15.41
N ASP A 202 9.98 1.89 -16.11
CA ASP A 202 10.05 2.16 -17.56
C ASP A 202 10.99 3.34 -17.75
N ILE A 203 12.02 3.17 -18.56
CA ILE A 203 13.06 4.22 -18.74
C ILE A 203 12.44 5.52 -19.27
N ASN A 204 11.29 5.47 -19.95
CA ASN A 204 10.65 6.70 -20.49
C ASN A 204 10.20 7.61 -19.35
N ASN A 205 9.94 7.08 -18.16
CA ASN A 205 9.38 7.91 -17.09
C ASN A 205 10.00 7.49 -15.74
N ALA A 206 11.20 6.92 -15.73
CA ALA A 206 11.75 6.31 -14.53
C ALA A 206 12.16 7.31 -13.45
N ASP A 207 12.53 8.54 -13.77
CA ASP A 207 13.14 9.41 -12.74
C ASP A 207 12.05 10.29 -12.11
N HIS A 208 11.13 9.61 -11.44
CA HIS A 208 9.98 10.20 -10.75
C HIS A 208 9.63 9.28 -9.61
N THR A 209 8.78 9.77 -8.73
CA THR A 209 8.28 9.00 -7.58
C THR A 209 6.79 9.29 -7.41
N ASP A 210 6.31 8.84 -6.27
CA ASP A 210 4.86 8.91 -5.94
C ASP A 210 4.82 8.88 -4.42
N ALA A 211 4.38 9.94 -3.78
CA ALA A 211 4.45 10.01 -2.29
C ALA A 211 3.77 8.80 -1.66
N SER A 212 2.62 8.38 -2.19
CA SER A 212 1.88 7.23 -1.63
C SER A 212 2.66 5.92 -1.76
N TYR A 213 3.76 5.88 -2.51
CA TYR A 213 4.59 4.67 -2.61
C TYR A 213 5.70 4.69 -1.55
N HIS A 214 5.90 5.82 -0.87
CA HIS A 214 6.94 5.96 0.18
C HIS A 214 6.48 5.25 1.46
N LEU A 215 7.20 4.19 1.83
CA LEU A 215 6.76 3.34 2.96
C LEU A 215 7.92 3.16 3.93
N PRO A 216 8.36 4.24 4.61
CA PRO A 216 9.41 4.10 5.59
C PRO A 216 9.08 3.12 6.73
N SER A 217 7.80 2.90 7.04
CA SER A 217 7.46 1.93 8.08
C SER A 217 7.99 0.55 7.68
N PHE A 218 7.93 0.23 6.39
CA PHE A 218 8.35 -1.08 5.87
C PHE A 218 9.85 -1.07 5.59
N TYR A 219 10.41 0.03 5.14
CA TYR A 219 11.85 0.08 4.88
C TYR A 219 12.60 -0.25 6.18
N GLU A 220 12.10 0.16 7.33
CA GLU A 220 12.71 -0.19 8.64
C GLU A 220 12.71 -1.71 8.86
N ILE A 221 11.66 -2.40 8.41
CA ILE A 221 11.66 -3.88 8.50
C ILE A 221 12.81 -4.42 7.64
N TRP A 222 12.92 -3.92 6.41
CA TRP A 222 13.93 -4.41 5.45
C TRP A 222 15.34 -4.07 5.98
N ALA A 223 15.50 -2.94 6.66
CA ALA A 223 16.81 -2.54 7.23
C ALA A 223 17.25 -3.55 8.29
N ARG A 224 16.31 -4.30 8.86
CA ARG A 224 16.58 -5.30 9.91
C ARG A 224 16.76 -6.69 9.32
N VAL A 225 16.03 -7.11 8.27
CA VAL A 225 16.01 -8.52 7.87
C VAL A 225 16.40 -8.74 6.41
N ALA A 226 16.55 -7.71 5.62
CA ALA A 226 16.97 -7.95 4.22
C ALA A 226 18.38 -8.55 4.18
N PRO A 227 18.80 -9.04 2.99
CA PRO A 227 20.22 -9.37 2.76
C PRO A 227 21.12 -8.25 3.29
N GLN A 228 22.15 -8.65 4.03
CA GLN A 228 22.98 -7.73 4.81
C GLN A 228 23.51 -6.59 3.93
N GLU A 229 23.96 -6.86 2.71
CA GLU A 229 24.59 -5.84 1.83
C GLU A 229 23.60 -4.71 1.48
N ASP A 230 22.28 -4.91 1.68
CA ASP A 230 21.29 -3.88 1.28
C ASP A 230 20.73 -3.15 2.48
N ARG A 231 21.02 -3.57 3.69
CA ARG A 231 20.32 -3.03 4.86
C ARG A 231 20.61 -1.53 5.01
N ALA A 232 21.83 -1.07 4.73
CA ALA A 232 22.13 0.39 4.85
C ALA A 232 21.31 1.20 3.83
N PHE A 233 21.10 0.64 2.66
CA PHE A 233 20.30 1.33 1.61
C PHE A 233 18.86 1.47 2.11
N TRP A 234 18.29 0.40 2.67
CA TRP A 234 16.88 0.48 3.11
C TRP A 234 16.76 1.43 4.28
N ALA A 235 17.76 1.46 5.17
CA ALA A 235 17.77 2.44 6.28
C ALA A 235 17.79 3.86 5.73
N LYS A 236 18.58 4.10 4.70
CA LYS A 236 18.66 5.40 4.06
C LYS A 236 17.28 5.75 3.48
N ALA A 237 16.69 4.82 2.74
CA ALA A 237 15.39 5.06 2.13
C ALA A 237 14.38 5.50 3.19
N ALA A 238 14.40 4.88 4.37
CA ALA A 238 13.46 5.26 5.44
C ALA A 238 13.66 6.75 5.79
N ASP A 239 14.91 7.17 6.03
CA ASP A 239 15.18 8.59 6.39
CA ASP A 239 15.23 8.59 6.38
C ASP A 239 14.79 9.50 5.22
N VAL A 240 15.09 9.11 4.00
CA VAL A 240 14.80 9.94 2.83
C VAL A 240 13.28 10.12 2.71
N SER A 241 12.51 9.09 2.96
CA SER A 241 11.04 9.18 2.83
C SER A 241 10.46 10.15 3.86
N ARG A 242 10.97 10.17 5.09
CA ARG A 242 10.51 11.10 6.11
C ARG A 242 10.80 12.52 5.66
N ASP A 243 11.96 12.75 5.05
CA ASP A 243 12.29 14.07 4.50
C ASP A 243 11.39 14.37 3.30
N TYR A 244 11.04 13.35 2.54
CA TYR A 244 10.24 13.49 1.30
C TYR A 244 8.85 13.98 1.68
N PHE A 245 8.23 13.36 2.67
CA PHE A 245 6.87 13.80 3.07
C PHE A 245 6.89 15.25 3.54
N ALA A 246 7.93 15.65 4.27
CA ALA A 246 8.07 17.03 4.72
C ALA A 246 8.09 18.00 3.54
N LYS A 247 8.77 17.66 2.46
CA LYS A 247 8.85 18.53 1.26
C LYS A 247 7.62 18.41 0.36
N ALA A 248 7.03 17.23 0.28
CA ALA A 248 6.02 16.93 -0.75
C ALA A 248 4.62 17.36 -0.31
N ALA A 249 4.34 17.33 0.98
CA ALA A 249 3.02 17.66 1.55
C ALA A 249 2.90 19.18 1.65
N HIS A 250 1.76 19.73 1.24
CA HIS A 250 1.55 21.18 1.24
C HIS A 250 1.79 21.68 2.66
N PRO A 251 2.44 22.85 2.80
CA PRO A 251 2.77 23.33 4.14
C PRO A 251 1.56 23.74 4.99
N VAL A 252 0.43 24.00 4.36
CA VAL A 252 -0.79 24.41 5.11
C VAL A 252 -1.75 23.24 5.30
N THR A 253 -2.00 22.46 4.24
CA THR A 253 -3.05 21.40 4.28
C THR A 253 -2.48 19.98 4.50
N ALA A 254 -1.18 19.79 4.29
CA ALA A 254 -0.50 18.48 4.30
C ALA A 254 -1.07 17.54 3.22
N LEU A 255 -1.75 18.08 2.22
CA LEU A 255 -2.11 17.27 1.02
C LEU A 255 -0.88 17.05 0.14
N THR A 256 -0.75 15.85 -0.40
CA THR A 256 0.33 15.44 -1.31
C THR A 256 -0.27 15.25 -2.71
N PRO A 257 0.55 15.39 -3.76
CA PRO A 257 0.10 15.07 -5.10
C PRO A 257 0.17 13.57 -5.34
N ASP A 258 -0.57 13.12 -6.32
CA ASP A 258 -0.47 11.70 -6.68
C ASP A 258 0.96 11.34 -7.09
N TYR A 259 1.56 12.10 -8.02
CA TYR A 259 2.89 11.79 -8.54
C TYR A 259 3.85 12.94 -8.27
N GLY A 260 5.12 12.64 -8.26
CA GLY A 260 6.10 13.60 -7.77
C GLY A 260 7.45 13.44 -8.41
N ASN A 261 8.29 14.44 -8.13
CA ASN A 261 9.73 14.37 -8.46
C ASN A 261 10.55 14.02 -7.22
N PHE A 262 11.78 13.54 -7.40
CA PHE A 262 12.63 13.15 -6.24
C PHE A 262 12.88 14.32 -5.29
N ASP A 263 12.86 15.54 -5.82
CA ASP A 263 13.13 16.73 -4.98
C ASP A 263 11.87 17.17 -4.21
N GLY A 264 10.74 16.48 -4.32
CA GLY A 264 9.54 16.76 -3.53
C GLY A 264 8.51 17.56 -4.27
N THR A 265 8.80 18.03 -5.47
CA THR A 265 7.81 18.82 -6.19
C THR A 265 6.81 17.88 -6.91
N PRO A 266 5.61 18.38 -7.18
CA PRO A 266 4.65 17.58 -7.92
C PRO A 266 5.07 17.36 -9.37
N TRP A 267 4.67 16.20 -9.94
CA TRP A 267 5.00 15.86 -11.33
C TRP A 267 3.68 15.64 -12.09
N ALA A 268 3.52 16.35 -13.23
CA ALA A 268 2.41 16.22 -14.16
C ALA A 268 2.77 15.19 -15.21
N ALA A 269 2.25 13.98 -15.09
CA ALA A 269 2.45 12.93 -16.10
C ALA A 269 1.90 13.45 -17.44
N SER A 270 2.57 13.17 -18.56
CA SER A 270 2.11 13.67 -19.87
C SER A 270 0.72 13.10 -20.18
N TRP A 271 0.46 11.87 -19.78
CA TRP A 271 -0.81 11.15 -20.06
C TRP A 271 -1.85 11.45 -18.98
N ARG A 272 -1.46 12.11 -17.89
CA ARG A 272 -2.34 12.34 -16.71
C ARG A 272 -1.84 13.59 -15.97
N PRO A 273 -2.00 14.79 -16.57
CA PRO A 273 -1.40 15.99 -16.00
C PRO A 273 -2.02 16.38 -14.67
N GLU A 274 -3.22 15.89 -14.38
CA GLU A 274 -3.91 16.11 -13.06
C GLU A 274 -3.25 15.30 -11.95
N SER A 275 -2.16 14.59 -12.22
CA SER A 275 -1.38 13.91 -11.18
C SER A 275 -0.73 14.86 -10.20
N VAL A 276 -0.72 16.15 -10.48
CA VAL A 276 -0.16 17.16 -9.54
C VAL A 276 -1.11 17.45 -8.38
N ASP A 277 -2.33 16.97 -8.45
CA ASP A 277 -3.33 17.20 -7.40
C ASP A 277 -3.41 16.02 -6.47
N PHE A 278 -4.13 16.21 -5.37
CA PHE A 278 -4.42 15.15 -4.38
C PHE A 278 -5.62 14.37 -4.91
N ARG A 279 -5.34 13.16 -5.33
CA ARG A 279 -6.36 12.26 -5.92
C ARG A 279 -6.17 10.87 -5.32
N TYR A 280 -6.58 9.85 -6.05
CA TYR A 280 -6.76 8.50 -5.49
C TYR A 280 -5.47 7.96 -4.87
N ASP A 281 -4.32 8.17 -5.49
CA ASP A 281 -3.06 7.66 -4.92
C ASP A 281 -2.82 8.35 -3.59
N ALA A 282 -2.91 9.68 -3.58
CA ALA A 282 -2.41 10.56 -2.50
C ALA A 282 -3.23 10.36 -1.24
N TRP A 283 -4.46 9.84 -1.36
CA TRP A 283 -5.23 9.49 -0.15
C TRP A 283 -4.35 8.75 0.84
N ARG A 284 -3.50 7.87 0.33
CA ARG A 284 -2.76 6.92 1.18
C ARG A 284 -1.56 7.55 1.90
N SER A 285 -1.07 8.72 1.48
CA SER A 285 0.21 9.23 2.01
C SER A 285 0.15 9.34 3.54
N VAL A 286 -0.96 9.88 4.05
CA VAL A 286 -1.06 10.10 5.52
C VAL A 286 -1.01 8.77 6.24
N MET A 287 -1.54 7.68 5.69
CA MET A 287 -1.44 6.37 6.35
C MET A 287 0.03 6.00 6.44
N ASN A 288 0.76 6.18 5.36
CA ASN A 288 2.19 5.79 5.31
C ASN A 288 2.96 6.51 6.39
N TRP A 289 2.86 7.84 6.49
CA TRP A 289 3.70 8.50 7.50
C TRP A 289 3.17 8.28 8.90
N SER A 290 1.88 8.11 9.06
CA SER A 290 1.29 7.94 10.42
C SER A 290 1.65 6.56 10.94
N MET A 291 1.59 5.53 10.10
CA MET A 291 2.03 4.16 10.43
C MET A 291 3.50 4.21 10.82
N ASP A 292 4.32 4.87 10.02
CA ASP A 292 5.76 4.95 10.33
C ASP A 292 5.98 5.60 11.70
N TYR A 293 5.27 6.68 11.99
CA TYR A 293 5.42 7.34 13.31
C TYR A 293 4.99 6.39 14.42
N ALA A 294 3.83 5.77 14.30
CA ALA A 294 3.31 4.91 15.37
C ALA A 294 4.29 3.76 15.57
N TRP A 295 4.87 3.18 14.53
CA TRP A 295 5.73 2.01 14.70
C TRP A 295 7.09 2.40 15.26
N TRP A 296 7.69 3.43 14.71
CA TRP A 296 9.14 3.68 14.91
C TRP A 296 9.41 4.99 15.66
N GLY A 297 8.51 5.96 15.63
CA GLY A 297 8.67 7.21 16.39
C GLY A 297 9.80 8.05 15.86
N LYS A 298 10.22 7.90 14.61
CA LYS A 298 11.38 8.67 14.06
C LYS A 298 10.97 9.86 13.22
N ASP A 299 9.78 9.85 12.61
CA ASP A 299 9.35 10.95 11.73
C ASP A 299 8.84 12.08 12.60
N SER A 300 9.75 12.95 13.03
CA SER A 300 9.39 14.01 13.99
C SER A 300 8.32 14.96 13.40
N GLY A 301 8.16 15.03 12.07
CA GLY A 301 7.17 15.88 11.44
C GLY A 301 5.78 15.25 11.32
N ALA A 302 5.67 13.95 11.55
CA ALA A 302 4.41 13.22 11.24
C ALA A 302 3.23 13.71 12.08
N PRO A 303 3.38 13.94 13.40
CA PRO A 303 2.25 14.41 14.16
C PRO A 303 1.65 15.70 13.63
N ALA A 304 2.50 16.69 13.35
CA ALA A 304 1.99 17.99 12.88
C ALA A 304 1.38 17.87 11.50
N ARG A 305 1.92 16.99 10.67
CA ARG A 305 1.41 16.80 9.33
C ARG A 305 0.01 16.17 9.43
N SER A 306 -0.12 15.14 10.24
CA SER A 306 -1.44 14.50 10.44
C SER A 306 -2.41 15.51 11.03
N ASP A 307 -1.91 16.34 11.96
CA ASP A 307 -2.81 17.37 12.51
C ASP A 307 -3.30 18.37 11.44
N LYS A 308 -2.41 18.82 10.57
CA LYS A 308 -2.75 19.75 9.47
C LYS A 308 -3.76 19.10 8.54
N LEU A 309 -3.56 17.83 8.20
CA LEU A 309 -4.46 17.20 7.23
C LEU A 309 -5.87 17.07 7.86
N LEU A 310 -5.96 16.71 9.14
CA LEU A 310 -7.28 16.53 9.80
C LEU A 310 -7.92 17.91 10.00
N ALA A 311 -7.12 18.94 10.32
CA ALA A 311 -7.68 20.31 10.40
C ALA A 311 -8.27 20.72 9.06
N PHE A 312 -7.57 20.41 7.98
CA PHE A 312 -8.07 20.74 6.63
C PHE A 312 -9.40 20.00 6.38
N PHE A 313 -9.42 18.69 6.61
CA PHE A 313 -10.66 17.92 6.31
C PHE A 313 -11.80 18.34 7.24
N GLU A 314 -11.51 18.81 8.44
CA GLU A 314 -12.59 19.32 9.32
C GLU A 314 -13.29 20.51 8.63
N THR A 315 -12.58 21.35 7.85
CA THR A 315 -13.20 22.48 7.11
C THR A 315 -14.13 21.97 6.00
N GLN A 316 -14.03 20.69 5.63
CA GLN A 316 -14.78 20.14 4.50
C GLN A 316 -16.02 19.40 5.00
N GLU A 317 -16.32 19.39 6.29
CA GLU A 317 -17.45 18.62 6.83
C GLU A 317 -18.71 19.04 6.07
N GLY A 318 -19.50 18.05 5.65
CA GLY A 318 -20.76 18.30 4.93
C GLY A 318 -20.55 18.74 3.50
N LYS A 319 -19.31 18.85 2.99
CA LYS A 319 -19.06 19.21 1.57
C LYS A 319 -17.78 18.51 1.08
N MET A 320 -17.53 17.29 1.59
CA MET A 320 -16.28 16.53 1.33
C MET A 320 -16.24 16.20 -0.16
N ASN A 321 -15.16 16.56 -0.82
CA ASN A 321 -14.83 16.07 -2.18
C ASN A 321 -13.86 14.91 -2.00
N HIS A 322 -13.36 14.32 -3.06
CA HIS A 322 -12.27 13.32 -2.89
C HIS A 322 -11.09 13.65 -3.81
N LEU A 323 -11.13 14.81 -4.45
CA LEU A 323 -10.09 15.36 -5.34
C LEU A 323 -9.84 16.78 -4.89
N TYR A 324 -8.59 17.17 -4.68
CA TYR A 324 -8.28 18.51 -4.16
C TYR A 324 -7.02 19.04 -4.80
N SER A 325 -6.94 20.35 -5.01
CA SER A 325 -5.63 21.00 -5.23
C SER A 325 -4.81 20.90 -3.96
N LEU A 326 -3.51 21.00 -4.05
CA LEU A 326 -2.73 20.83 -2.79
C LEU A 326 -3.02 21.97 -1.81
N ASP A 327 -3.37 23.15 -2.32
CA ASP A 327 -3.73 24.23 -1.39
C ASP A 327 -5.16 24.11 -0.88
N GLY A 328 -5.90 23.06 -1.19
CA GLY A 328 -7.18 22.77 -0.53
C GLY A 328 -8.40 23.20 -1.33
N LYS A 329 -8.27 23.43 -2.62
CA LYS A 329 -9.46 23.76 -3.44
C LYS A 329 -10.13 22.45 -3.81
N PRO A 330 -11.45 22.31 -3.64
CA PRO A 330 -12.12 21.08 -4.05
C PRO A 330 -12.17 20.99 -5.57
N LEU A 331 -11.87 19.79 -6.08
CA LEU A 331 -11.81 19.56 -7.53
C LEU A 331 -12.82 18.50 -7.96
N GLY A 332 -13.68 18.02 -7.10
CA GLY A 332 -14.80 17.17 -7.53
C GLY A 332 -14.96 15.91 -6.71
N GLY A 333 -16.07 15.23 -6.94
CA GLY A 333 -16.34 13.96 -6.26
C GLY A 333 -16.96 14.25 -4.93
N GLY A 334 -17.62 13.24 -4.39
CA GLY A 334 -18.12 13.33 -3.04
C GLY A 334 -17.26 12.48 -2.12
N PRO A 335 -17.76 12.27 -0.90
CA PRO A 335 -17.04 11.45 0.07
C PRO A 335 -16.86 10.04 -0.46
N THR A 336 -15.72 9.45 -0.15
CA THR A 336 -15.52 8.02 -0.45
C THR A 336 -15.13 7.28 0.82
N LEU A 337 -15.45 5.99 0.88
CA LEU A 337 -15.04 5.19 2.03
C LEU A 337 -13.49 5.13 2.08
N GLY A 338 -12.82 5.06 0.94
CA GLY A 338 -11.34 4.98 0.95
C GLY A 338 -10.72 6.21 1.56
N LEU A 339 -11.25 7.40 1.26
CA LEU A 339 -10.68 8.64 1.82
C LEU A 339 -11.05 8.75 3.31
N ILE A 340 -12.27 8.43 3.70
CA ILE A 340 -12.64 8.39 5.15
C ILE A 340 -11.66 7.49 5.87
N SER A 341 -11.38 6.33 5.29
CA SER A 341 -10.55 5.29 5.92
C SER A 341 -9.12 5.82 6.08
N MET A 342 -8.55 6.39 5.02
CA MET A 342 -7.18 6.89 5.11
C MET A 342 -7.12 8.04 6.10
N ASN A 343 -8.12 8.92 6.09
CA ASN A 343 -8.07 10.06 7.03
C ASN A 343 -8.07 9.57 8.47
N ALA A 344 -8.80 8.50 8.78
CA ALA A 344 -8.83 7.96 10.15
C ALA A 344 -7.43 7.51 10.54
N THR A 345 -6.66 6.93 9.63
CA THR A 345 -5.31 6.44 9.96
C THR A 345 -4.39 7.58 10.35
N ALA A 346 -4.67 8.84 10.05
CA ALA A 346 -3.87 9.99 10.53
C ALA A 346 -3.81 9.98 12.05
N ALA A 347 -4.79 9.38 12.71
CA ALA A 347 -4.83 9.34 14.19
C ALA A 347 -3.70 8.48 14.74
N MET A 348 -3.01 7.69 13.94
CA MET A 348 -1.80 6.98 14.43
C MET A 348 -0.71 7.98 14.81
N ALA A 349 -0.78 9.22 14.36
CA ALA A 349 0.23 10.23 14.70
C ALA A 349 -0.37 11.53 15.21
N ALA A 350 -1.62 11.87 14.93
CA ALA A 350 -2.17 13.19 15.28
C ALA A 350 -2.17 13.40 16.80
N THR A 351 -2.03 14.65 17.18
CA THR A 351 -2.07 15.07 18.60
C THR A 351 -3.40 15.75 18.90
N ASP A 352 -3.99 16.48 17.98
CA ASP A 352 -5.19 17.27 18.32
C ASP A 352 -6.36 16.31 18.41
N PRO A 353 -7.17 16.38 19.50
CA PRO A 353 -8.26 15.42 19.73
C PRO A 353 -9.41 15.47 18.72
N ARG A 354 -9.39 16.31 17.72
CA ARG A 354 -10.31 16.15 16.57
C ARG A 354 -10.06 14.81 15.91
N TRP A 355 -8.93 14.18 16.11
CA TRP A 355 -8.74 12.84 15.47
C TRP A 355 -9.85 11.89 15.90
N HIS A 356 -10.41 12.07 17.10
CA HIS A 356 -11.50 11.19 17.59
C HIS A 356 -12.61 11.14 16.57
N ASN A 357 -12.96 12.28 15.98
CA ASN A 357 -14.11 12.39 15.05
C ASN A 357 -13.82 11.60 13.78
N PHE A 358 -12.56 11.53 13.36
CA PHE A 358 -12.20 10.83 12.11
C PHE A 358 -12.20 9.32 12.35
N VAL A 359 -11.74 8.89 13.49
CA VAL A 359 -11.79 7.44 13.84
C VAL A 359 -13.27 7.03 14.03
N GLU A 360 -14.05 7.87 14.64
CA GLU A 360 -15.50 7.62 14.83
C GLU A 360 -16.18 7.56 13.45
N LYS A 361 -15.84 8.42 12.51
CA LYS A 361 -16.45 8.38 11.18
C LYS A 361 -16.13 7.04 10.51
N LEU A 362 -14.90 6.56 10.60
CA LEU A 362 -14.60 5.24 10.02
C LEU A 362 -15.44 4.17 10.71
N TRP A 363 -15.49 4.19 12.05
CA TRP A 363 -16.27 3.22 12.83
C TRP A 363 -17.70 3.17 12.31
N GLN A 364 -18.30 4.29 11.96
CA GLN A 364 -19.73 4.42 11.56
CA GLN A 364 -19.76 4.23 11.64
C GLN A 364 -19.95 3.79 10.19
N GLN A 365 -18.90 3.55 9.41
CA GLN A 365 -19.15 3.08 8.03
C GLN A 365 -19.55 1.62 7.98
N GLN A 366 -20.10 1.23 6.84
CA GLN A 366 -20.39 -0.18 6.52
C GLN A 366 -19.44 -0.64 5.44
N PRO A 367 -19.26 -1.94 5.24
CA PRO A 367 -18.43 -2.44 4.13
C PRO A 367 -18.97 -1.95 2.80
N PRO A 368 -18.09 -1.69 1.81
CA PRO A 368 -18.54 -1.13 0.54
C PRO A 368 -19.19 -2.20 -0.34
N THR A 369 -20.06 -1.72 -1.24
CA THR A 369 -20.72 -2.57 -2.23
C THR A 369 -20.69 -1.89 -3.56
N GLY A 370 -20.92 -2.67 -4.59
CA GLY A 370 -21.07 -2.10 -5.93
C GLY A 370 -19.72 -1.82 -6.60
N GLN A 371 -19.78 -1.04 -7.68
CA GLN A 371 -18.73 -1.04 -8.71
C GLN A 371 -17.39 -0.54 -8.19
N TYR A 372 -17.34 0.33 -7.17
CA TYR A 372 -16.07 0.93 -6.71
C TYR A 372 -15.56 0.30 -5.43
N ARG A 373 -16.04 -0.91 -5.09
CA ARG A 373 -15.74 -1.46 -3.75
C ARG A 373 -14.31 -2.00 -3.64
N TYR A 374 -13.58 -2.16 -4.72
CA TYR A 374 -12.19 -2.68 -4.61
C TYR A 374 -11.30 -1.67 -3.87
N TYR A 375 -11.16 -0.45 -4.37
CA TYR A 375 -10.19 0.46 -3.72
C TYR A 375 -10.75 0.91 -2.40
N ASP A 376 -12.04 1.22 -2.35
CA ASP A 376 -12.67 1.55 -1.06
C ASP A 376 -12.46 0.40 -0.07
N GLY A 377 -12.63 -0.84 -0.53
CA GLY A 377 -12.65 -1.97 0.39
C GLY A 377 -11.26 -2.33 0.91
N VAL A 378 -10.24 -2.35 0.07
CA VAL A 378 -8.89 -2.71 0.59
C VAL A 378 -8.43 -1.61 1.55
N LEU A 379 -8.72 -0.35 1.24
CA LEU A 379 -8.28 0.73 2.13
C LEU A 379 -9.09 0.66 3.44
N TYR A 380 -10.39 0.41 3.35
CA TYR A 380 -11.25 0.26 4.55
C TYR A 380 -10.69 -0.82 5.49
N LEU A 381 -10.43 -2.00 4.96
CA LEU A 381 -10.02 -3.10 5.85
C LEU A 381 -8.60 -2.81 6.38
N MET A 382 -7.69 -2.27 5.60
CA MET A 382 -6.38 -1.89 6.20
C MET A 382 -6.60 -0.84 7.28
N ALA A 383 -7.46 0.15 7.07
CA ALA A 383 -7.64 1.23 8.06
C ALA A 383 -8.25 0.65 9.32
N LEU A 384 -9.23 -0.25 9.19
CA LEU A 384 -9.81 -0.89 10.40
C LEU A 384 -8.73 -1.61 11.18
N LEU A 385 -7.83 -2.33 10.52
CA LEU A 385 -6.82 -3.10 11.25
C LEU A 385 -5.87 -2.10 11.95
N HIS A 386 -5.45 -1.06 11.25
CA HIS A 386 -4.58 -0.05 11.88
C HIS A 386 -5.26 0.52 13.10
N CYS A 387 -6.51 0.93 12.97
CA CYS A 387 -7.20 1.67 14.06
C CYS A 387 -7.60 0.72 15.20
N ALA A 388 -7.69 -0.59 14.96
CA ALA A 388 -7.98 -1.56 16.03
C ALA A 388 -6.70 -2.02 16.76
N GLY A 389 -5.52 -1.54 16.39
CA GLY A 389 -4.27 -2.03 16.98
C GLY A 389 -3.93 -3.43 16.55
N GLU A 390 -4.36 -3.84 15.36
CA GLU A 390 -4.17 -5.20 14.82
C GLU A 390 -3.30 -5.22 13.58
N TYR A 391 -2.63 -4.13 13.24
CA TYR A 391 -1.74 -4.08 12.07
C TYR A 391 -0.34 -3.84 12.62
N LYS A 392 0.41 -4.91 12.73
CA LYS A 392 1.66 -4.92 13.51
C LYS A 392 2.86 -5.27 12.64
N ALA A 393 4.04 -4.94 13.11
CA ALA A 393 5.33 -5.33 12.51
C ALA A 393 5.64 -6.73 12.99
N TRP A 394 5.55 -7.70 12.13
CA TRP A 394 5.86 -9.13 12.42
C TRP A 394 7.26 -9.45 11.92
N ILE A 395 8.30 -9.19 12.72
CA ILE A 395 9.67 -9.21 12.20
C ILE A 395 10.23 -10.61 12.32
N PRO A 396 10.68 -11.22 11.22
CA PRO A 396 11.24 -12.58 11.28
C PRO A 396 12.68 -12.69 11.84
#